data_5LJ8
#
_entry.id   5LJ8
#
_cell.length_a   50.110
_cell.length_b   54.860
_cell.length_c   66.890
_cell.angle_alpha   90.00
_cell.angle_beta   92.86
_cell.angle_gamma   90.00
#
_symmetry.space_group_name_H-M   'P 1 21 1'
#
loop_
_entity.id
_entity.type
_entity.pdbx_description
1 polymer 'Macrolide export ATP-binding/permease protein MacB'
2 water water
#
_entity_poly.entity_id   1
_entity_poly.type   'polypeptide(L)'
_entity_poly.pdbx_seq_one_letter_code
;MTNTIDVYPGKDFGDDDPQYQQALKYDDLIAIQKQPWVASATPAVSQNLRLRYNNVDVAASANGVSGDYFNVYGMTFSEG
NTFNQEQLNGRAQVVVLDSNTRRQLFPHKADVVGEVILVGNMPARVIGVAEEKQSMFGSSKVLRVWLPYSTMSGRVMGQS
WLNSITVRVKEGFDSAEAEQQLTRLLSLRHGKKDFFTWNMDLEHHHHHH
;
_entity_poly.pdbx_strand_id   A,B
#
# COMPACT_ATOMS: atom_id res chain seq x y z
N ASN A 3 -13.52 -3.99 13.50
CA ASN A 3 -12.13 -4.50 13.46
C ASN A 3 -11.08 -3.49 13.02
N THR A 4 -11.18 -2.99 11.79
CA THR A 4 -10.88 -1.59 11.54
C THR A 4 -12.09 -0.74 11.06
N ILE A 5 -12.16 0.51 11.57
CA ILE A 5 -13.24 1.41 11.19
C ILE A 5 -12.64 2.68 10.59
N ASP A 6 -13.00 2.98 9.34
CA ASP A 6 -12.61 4.29 8.76
C ASP A 6 -13.68 5.30 9.12
N VAL A 7 -13.22 6.52 9.42
CA VAL A 7 -14.06 7.67 9.57
C VAL A 7 -13.79 8.64 8.43
N TYR A 8 -14.84 9.13 7.78
CA TYR A 8 -14.71 10.06 6.68
C TYR A 8 -15.56 11.27 6.95
N PRO A 9 -15.12 12.44 6.49
CA PRO A 9 -15.96 13.60 6.57
C PRO A 9 -17.13 13.59 5.55
N GLY A 10 -18.17 14.37 5.89
CA GLY A 10 -19.31 14.54 5.07
C GLY A 10 -20.35 13.47 5.28
N LYS A 11 -21.19 13.26 4.26
CA LYS A 11 -22.39 12.44 4.33
C LYS A 11 -22.33 11.16 3.49
N ASP A 12 -21.65 11.21 2.38
CA ASP A 12 -21.63 10.13 1.42
C ASP A 12 -20.20 9.96 0.84
N PHE A 13 -19.88 8.76 0.36
CA PHE A 13 -18.61 8.52 -0.32
C PHE A 13 -18.35 9.47 -1.49
N GLY A 14 -17.17 10.08 -1.49
CA GLY A 14 -16.83 11.12 -2.46
C GLY A 14 -16.94 12.58 -1.96
N ASP A 15 -17.41 12.82 -0.73
CA ASP A 15 -17.67 14.17 -0.25
C ASP A 15 -16.28 14.79 0.18
N ASP A 16 -15.61 15.48 -0.72
CA ASP A 16 -14.42 16.23 -0.34
C ASP A 16 -14.60 17.71 -0.66
N ASP A 17 -15.84 18.16 -0.73
CA ASP A 17 -16.17 19.60 -0.90
C ASP A 17 -15.53 20.43 0.22
N PRO A 18 -15.24 21.73 -0.06
CA PRO A 18 -14.59 22.57 0.93
C PRO A 18 -15.20 22.52 2.35
N GLN A 19 -16.49 22.58 2.42
CA GLN A 19 -17.18 22.62 3.70
C GLN A 19 -17.03 21.30 4.49
N TYR A 20 -16.62 20.21 3.86
CA TYR A 20 -16.39 18.94 4.57
C TYR A 20 -14.95 18.70 4.97
N GLN A 21 -14.03 19.41 4.34
CA GLN A 21 -12.61 19.18 4.57
C GLN A 21 -12.20 19.42 6.00
N GLN A 22 -12.85 20.32 6.70
CA GLN A 22 -12.45 20.67 8.03
C GLN A 22 -13.24 19.89 9.08
N ALA A 23 -14.04 18.89 8.69
CA ALA A 23 -14.90 18.19 9.69
C ALA A 23 -14.09 17.42 10.73
N LEU A 24 -13.08 16.67 10.30
CA LEU A 24 -12.29 15.91 11.17
C LEU A 24 -11.08 16.70 11.64
N LYS A 25 -10.88 16.74 12.94
CA LYS A 25 -9.88 17.58 13.62
C LYS A 25 -8.76 16.73 14.16
N TYR A 26 -7.56 17.29 14.25
CA TYR A 26 -6.47 16.63 14.93
C TYR A 26 -6.80 16.27 16.35
N ASP A 27 -7.44 17.20 17.07
CA ASP A 27 -7.96 16.93 18.42
C ASP A 27 -8.91 15.73 18.49
N ASP A 28 -9.71 15.51 17.45
CA ASP A 28 -10.53 14.27 17.34
C ASP A 28 -9.68 13.02 17.26
N LEU A 29 -8.61 13.08 16.50
CA LEU A 29 -7.69 11.93 16.39
C LEU A 29 -7.14 11.58 17.76
N ILE A 30 -6.68 12.59 18.49
CA ILE A 30 -6.10 12.40 19.82
C ILE A 30 -7.16 11.82 20.77
N ALA A 31 -8.36 12.40 20.77
CA ALA A 31 -9.47 11.85 21.55
C ALA A 31 -9.83 10.39 21.26
N ILE A 32 -9.82 10.05 19.98
CA ILE A 32 -10.02 8.64 19.60
C ILE A 32 -8.89 7.80 20.19
N GLN A 33 -7.68 8.30 20.05
CA GLN A 33 -6.49 7.52 20.42
C GLN A 33 -6.56 7.11 21.90
N LYS A 34 -7.24 7.89 22.72
CA LYS A 34 -7.31 7.63 24.14
C LYS A 34 -8.49 6.74 24.52
N GLN A 35 -9.24 6.20 23.56
CA GLN A 35 -10.36 5.35 23.93
C GLN A 35 -9.81 3.96 24.25
N PRO A 36 -10.39 3.30 25.26
CA PRO A 36 -9.81 2.02 25.76
C PRO A 36 -9.99 0.83 24.81
N TRP A 37 -10.95 0.92 23.87
CA TRP A 37 -11.13 -0.11 22.83
C TRP A 37 -10.29 0.10 21.56
N VAL A 38 -9.52 1.20 21.51
CA VAL A 38 -8.71 1.51 20.35
C VAL A 38 -7.32 0.95 20.45
N ALA A 39 -6.95 0.07 19.53
CA ALA A 39 -5.56 -0.37 19.37
C ALA A 39 -4.64 0.73 18.76
N SER A 40 -5.18 1.51 17.82
CA SER A 40 -4.41 2.51 17.07
C SER A 40 -5.40 3.28 16.23
N ALA A 41 -5.03 4.51 15.93
CA ALA A 41 -5.80 5.37 15.03
C ALA A 41 -4.83 6.28 14.27
N THR A 42 -4.95 6.29 12.96
CA THR A 42 -4.00 6.92 12.03
C THR A 42 -4.81 7.87 11.11
N PRO A 43 -4.38 9.15 10.95
CA PRO A 43 -5.02 10.00 9.89
C PRO A 43 -4.51 9.74 8.48
N ALA A 44 -5.33 9.99 7.48
CA ALA A 44 -4.85 10.30 6.16
C ALA A 44 -5.01 11.81 5.94
N VAL A 45 -3.93 12.46 5.44
CA VAL A 45 -3.83 13.92 5.41
C VAL A 45 -3.55 14.43 3.98
N SER A 46 -4.30 15.45 3.52
CA SER A 46 -3.98 16.25 2.35
C SER A 46 -3.42 17.61 2.79
N GLN A 47 -2.61 18.23 1.94
CA GLN A 47 -2.28 19.62 2.08
C GLN A 47 -3.01 20.43 1.03
N ASN A 48 -3.64 21.48 1.47
CA ASN A 48 -4.25 22.44 0.56
C ASN A 48 -3.18 23.47 0.13
N LEU A 49 -3.04 23.66 -1.17
CA LEU A 49 -2.04 24.60 -1.67
C LEU A 49 -2.63 25.20 -2.93
N ARG A 50 -1.83 25.95 -3.67
CA ARG A 50 -2.25 26.44 -4.92
C ARG A 50 -1.41 25.93 -6.05
N LEU A 51 -2.06 25.53 -7.13
CA LEU A 51 -1.46 25.16 -8.40
C LEU A 51 -1.41 26.35 -9.31
N ARG A 52 -0.22 26.60 -9.88
CA ARG A 52 -0.03 27.74 -10.86
C ARG A 52 0.43 27.17 -12.15
N TYR A 53 -0.32 27.48 -13.20
CA TYR A 53 0.07 27.24 -14.55
C TYR A 53 -0.37 28.41 -15.39
N ASN A 54 0.62 29.05 -16.00
CA ASN A 54 0.37 30.26 -16.78
C ASN A 54 -0.49 31.28 -16.01
N ASN A 55 -1.66 31.60 -16.45
CA ASN A 55 -2.49 32.55 -15.70
C ASN A 55 -3.49 31.84 -14.78
N VAL A 56 -3.41 30.52 -14.65
CA VAL A 56 -4.29 29.80 -13.70
C VAL A 56 -3.66 29.69 -12.32
N ASP A 57 -4.43 29.96 -11.28
CA ASP A 57 -3.95 29.96 -9.91
C ASP A 57 -5.07 29.51 -8.97
N VAL A 58 -5.05 28.24 -8.60
CA VAL A 58 -6.24 27.59 -8.03
C VAL A 58 -5.85 26.73 -6.82
N ALA A 59 -6.72 26.73 -5.81
CA ALA A 59 -6.64 25.82 -4.70
C ALA A 59 -6.77 24.39 -5.09
N ALA A 60 -5.89 23.58 -4.53
CA ALA A 60 -6.00 22.15 -4.74
C ALA A 60 -5.53 21.38 -3.50
N SER A 61 -5.96 20.11 -3.41
CA SER A 61 -5.55 19.23 -2.38
C SER A 61 -4.48 18.30 -2.94
N ALA A 62 -3.35 18.25 -2.25
CA ALA A 62 -2.24 17.41 -2.65
C ALA A 62 -2.05 16.32 -1.58
N ASN A 63 -1.84 15.09 -2.06
CA ASN A 63 -1.55 13.96 -1.22
C ASN A 63 -0.22 13.28 -1.64
N GLY A 64 0.58 12.85 -0.65
CA GLY A 64 1.85 12.16 -0.92
C GLY A 64 1.52 10.66 -0.86
N VAL A 65 1.75 9.92 -1.92
CA VAL A 65 1.32 8.53 -1.95
C VAL A 65 2.44 7.67 -2.44
N SER A 66 2.19 6.41 -2.19
CA SER A 66 3.15 5.33 -2.32
C SER A 66 2.86 4.58 -3.56
N GLY A 67 1.81 4.98 -4.30
CA GLY A 67 1.87 4.78 -5.73
C GLY A 67 1.49 3.38 -6.27
N ASP A 68 1.40 2.36 -5.39
CA ASP A 68 0.25 1.36 -5.36
C ASP A 68 -1.14 1.93 -4.96
N TYR A 69 -1.12 3.18 -4.59
CA TYR A 69 -2.28 3.86 -4.15
C TYR A 69 -3.44 3.86 -5.18
N PHE A 70 -3.10 4.10 -6.46
CA PHE A 70 -4.10 4.16 -7.48
C PHE A 70 -4.82 2.80 -7.65
N ASN A 71 -4.07 1.69 -7.62
CA ASN A 71 -4.68 0.34 -7.68
C ASN A 71 -5.74 0.12 -6.69
N VAL A 72 -5.41 0.47 -5.47
CA VAL A 72 -6.19 0.02 -4.35
C VAL A 72 -7.48 0.84 -4.30
N TYR A 73 -7.49 2.01 -4.91
CA TYR A 73 -8.71 2.76 -5.02
C TYR A 73 -9.47 2.56 -6.33
N GLY A 74 -8.93 1.79 -7.27
CA GLY A 74 -9.60 1.54 -8.53
C GLY A 74 -9.47 2.71 -9.51
N MET A 75 -8.44 3.53 -9.35
CA MET A 75 -8.15 4.56 -10.33
C MET A 75 -7.24 3.99 -11.44
N THR A 76 -7.55 4.33 -12.66
CA THR A 76 -6.67 4.06 -13.77
C THR A 76 -6.10 5.36 -14.39
N PHE A 77 -5.23 5.20 -15.37
CA PHE A 77 -4.57 6.35 -15.95
C PHE A 77 -5.11 6.62 -17.34
N SER A 78 -5.65 7.79 -17.56
CA SER A 78 -6.00 8.18 -18.94
C SER A 78 -4.79 8.68 -19.74
N GLU A 79 -3.74 9.16 -19.06
CA GLU A 79 -2.47 9.38 -19.77
C GLU A 79 -1.31 9.19 -18.78
N GLY A 80 -0.16 8.85 -19.31
CA GLY A 80 1.03 8.63 -18.53
C GLY A 80 0.83 7.48 -17.57
N ASN A 81 1.53 7.56 -16.44
N ASN A 81 1.53 7.52 -16.44
CA ASN A 81 1.54 6.47 -15.48
CA ASN A 81 1.43 6.44 -15.45
C ASN A 81 1.86 6.93 -14.09
C ASN A 81 1.84 6.92 -14.09
N THR A 82 1.79 5.98 -13.16
CA THR A 82 2.07 6.25 -11.80
C THR A 82 3.58 6.46 -11.61
N PHE A 83 3.97 6.80 -10.41
CA PHE A 83 5.37 7.00 -10.05
C PHE A 83 6.20 5.71 -10.13
N ASN A 84 7.39 5.82 -10.67
CA ASN A 84 8.31 4.65 -10.76
C ASN A 84 9.22 4.63 -9.55
N GLN A 85 9.94 3.51 -9.40
CA GLN A 85 10.79 3.35 -8.24
C GLN A 85 11.82 4.51 -8.04
N GLU A 86 12.39 5.01 -9.09
CA GLU A 86 13.43 6.05 -8.94
C GLU A 86 12.76 7.36 -8.49
N GLN A 87 11.51 7.57 -8.83
CA GLN A 87 10.83 8.82 -8.47
C GLN A 87 10.47 8.77 -7.00
N LEU A 88 10.01 7.60 -6.57
CA LEU A 88 9.76 7.40 -5.19
C LEU A 88 11.03 7.45 -4.31
N ASN A 89 12.09 6.72 -4.65
CA ASN A 89 13.35 6.76 -3.91
C ASN A 89 14.06 8.11 -4.00
N GLY A 90 13.92 8.77 -5.14
CA GLY A 90 14.65 9.99 -5.43
C GLY A 90 13.92 11.22 -5.02
N ARG A 91 12.74 11.08 -4.41
CA ARG A 91 11.94 12.28 -4.03
C ARG A 91 11.73 13.26 -5.20
N ALA A 92 11.40 12.73 -6.36
CA ALA A 92 11.29 13.51 -7.58
C ALA A 92 10.09 14.49 -7.55
N GLN A 93 10.34 15.63 -8.16
CA GLN A 93 9.36 16.71 -8.30
C GLN A 93 8.50 16.43 -9.53
N VAL A 94 7.57 15.50 -9.33
CA VAL A 94 6.73 14.94 -10.32
C VAL A 94 5.34 14.85 -9.70
N VAL A 95 4.33 14.95 -10.56
CA VAL A 95 2.93 15.03 -10.08
C VAL A 95 1.98 14.29 -11.00
N VAL A 96 1.00 13.60 -10.39
CA VAL A 96 -0.14 13.08 -11.09
C VAL A 96 -1.37 13.98 -10.86
N LEU A 97 -2.11 14.26 -11.93
CA LEU A 97 -3.28 15.13 -11.86
C LEU A 97 -4.53 14.27 -11.78
N ASP A 98 -5.56 14.70 -11.03
CA ASP A 98 -6.89 14.15 -11.29
C ASP A 98 -7.52 14.74 -12.55
N SER A 99 -8.65 14.20 -12.96
CA SER A 99 -9.37 14.71 -14.13
C SER A 99 -9.87 16.14 -13.94
N ASN A 100 -10.31 16.53 -12.74
CA ASN A 100 -10.69 17.95 -12.54
C ASN A 100 -9.55 18.94 -12.71
N THR A 101 -8.40 18.59 -12.17
CA THR A 101 -7.18 19.47 -12.24
C THR A 101 -6.69 19.59 -13.68
N ARG A 102 -6.68 18.45 -14.37
CA ARG A 102 -6.32 18.36 -15.75
C ARG A 102 -7.17 19.28 -16.66
N ARG A 103 -8.49 19.28 -16.46
N ARG A 103 -8.48 19.28 -16.44
CA ARG A 103 -9.42 20.20 -17.14
CA ARG A 103 -9.37 20.21 -17.12
C ARG A 103 -9.17 21.68 -16.80
C ARG A 103 -9.15 21.68 -16.78
N GLN A 104 -8.91 21.95 -15.51
CA GLN A 104 -8.69 23.30 -15.04
C GLN A 104 -7.45 23.96 -15.59
N LEU A 105 -6.34 23.24 -15.54
CA LEU A 105 -5.05 23.79 -15.96
C LEU A 105 -4.81 23.68 -17.41
N PHE A 106 -5.32 22.63 -18.00
CA PHE A 106 -4.99 22.31 -19.42
C PHE A 106 -6.26 22.03 -20.22
N PRO A 107 -7.21 22.96 -20.21
CA PRO A 107 -8.47 22.75 -20.97
C PRO A 107 -8.30 22.39 -22.48
N HIS A 108 -7.26 22.92 -23.13
CA HIS A 108 -7.09 22.73 -24.58
C HIS A 108 -6.10 21.66 -25.01
N LYS A 109 -5.18 21.26 -24.16
CA LYS A 109 -4.09 20.39 -24.60
C LYS A 109 -4.55 18.93 -24.76
N ALA A 110 -4.13 18.31 -25.84
CA ALA A 110 -4.43 16.92 -26.11
C ALA A 110 -3.65 16.06 -25.13
N ASP A 111 -2.42 16.46 -24.83
CA ASP A 111 -1.48 15.67 -24.02
C ASP A 111 -0.90 16.58 -23.02
N VAL A 112 -0.82 16.17 -21.76
CA VAL A 112 -0.20 17.06 -20.74
C VAL A 112 1.02 16.46 -20.08
N VAL A 113 1.31 15.16 -20.34
CA VAL A 113 2.51 14.53 -19.79
C VAL A 113 3.76 15.30 -20.25
N GLY A 114 4.62 15.71 -19.31
CA GLY A 114 5.76 16.56 -19.59
C GLY A 114 5.57 18.02 -19.29
N GLU A 115 4.33 18.50 -19.21
CA GLU A 115 4.11 19.87 -18.71
C GLU A 115 4.65 20.06 -17.30
N VAL A 116 5.04 21.28 -17.00
CA VAL A 116 5.48 21.71 -15.68
C VAL A 116 4.46 22.65 -15.07
N ILE A 117 4.04 22.36 -13.84
CA ILE A 117 3.19 23.27 -13.06
C ILE A 117 3.91 23.62 -11.78
N LEU A 118 3.50 24.72 -11.14
CA LEU A 118 3.91 24.98 -9.78
C LEU A 118 2.95 24.38 -8.80
N VAL A 119 3.46 23.51 -7.93
CA VAL A 119 2.69 22.91 -6.86
C VAL A 119 3.07 23.66 -5.61
N GLY A 120 2.25 24.66 -5.24
CA GLY A 120 2.71 25.71 -4.34
C GLY A 120 3.84 26.56 -4.95
N ASN A 121 5.03 26.40 -4.39
CA ASN A 121 6.24 27.04 -4.83
C ASN A 121 7.27 26.03 -5.42
N MET A 122 6.82 24.80 -5.69
CA MET A 122 7.67 23.75 -6.19
C MET A 122 7.23 23.36 -7.59
N PRO A 123 8.07 23.59 -8.63
CA PRO A 123 7.73 23.10 -9.91
C PRO A 123 7.76 21.59 -9.95
N ALA A 124 6.85 21.01 -10.72
CA ALA A 124 6.73 19.56 -10.78
C ALA A 124 6.32 19.20 -12.22
N ARG A 125 6.93 18.14 -12.76
CA ARG A 125 6.66 17.66 -14.07
C ARG A 125 5.39 16.74 -13.91
N VAL A 126 4.41 17.01 -14.73
CA VAL A 126 3.23 16.12 -14.85
C VAL A 126 3.61 14.77 -15.49
N ILE A 127 3.39 13.68 -14.79
CA ILE A 127 3.72 12.36 -15.34
C ILE A 127 2.52 11.51 -15.63
N GLY A 128 1.35 11.91 -15.17
CA GLY A 128 0.12 11.19 -15.55
C GLY A 128 -1.14 11.94 -15.12
N VAL A 129 -2.26 11.40 -15.60
CA VAL A 129 -3.59 11.89 -15.26
C VAL A 129 -4.41 10.67 -14.82
N ALA A 130 -4.86 10.69 -13.56
CA ALA A 130 -5.67 9.61 -13.01
C ALA A 130 -7.16 9.80 -13.31
N GLU A 131 -7.85 8.70 -13.56
CA GLU A 131 -9.28 8.76 -13.88
C GLU A 131 -9.98 8.10 -12.71
N GLU A 132 -10.88 8.84 -12.09
CA GLU A 132 -11.48 8.58 -10.78
C GLU A 132 -12.94 8.05 -10.95
N LYS A 133 -13.49 8.09 -12.15
CA LYS A 133 -14.95 7.97 -12.27
C LYS A 133 -15.43 6.55 -11.97
N GLN A 134 -14.57 5.55 -12.23
CA GLN A 134 -14.88 4.11 -11.94
C GLN A 134 -14.21 3.62 -10.65
N SER A 135 -13.64 4.56 -9.89
CA SER A 135 -12.92 4.26 -8.67
C SER A 135 -13.90 4.00 -7.49
N MET A 136 -13.37 3.64 -6.35
CA MET A 136 -14.23 3.32 -5.17
C MET A 136 -15.18 4.48 -4.87
N PHE A 137 -14.66 5.71 -4.84
CA PHE A 137 -15.44 6.87 -4.40
C PHE A 137 -15.86 7.82 -5.47
N GLY A 138 -15.65 7.47 -6.73
CA GLY A 138 -16.02 8.32 -7.81
C GLY A 138 -15.08 9.51 -7.87
N SER A 139 -15.41 10.47 -8.70
CA SER A 139 -14.56 11.66 -8.93
C SER A 139 -14.61 12.57 -7.74
N SER A 140 -13.52 13.28 -7.49
CA SER A 140 -13.50 14.36 -6.54
C SER A 140 -14.45 15.52 -6.89
N LYS A 141 -14.88 16.28 -5.88
CA LYS A 141 -15.59 17.51 -6.12
C LYS A 141 -14.64 18.72 -6.19
N VAL A 142 -13.35 18.48 -5.90
CA VAL A 142 -12.36 19.51 -5.83
C VAL A 142 -11.16 19.13 -6.76
N LEU A 143 -10.13 19.92 -6.74
CA LEU A 143 -8.97 19.66 -7.55
C LEU A 143 -7.97 18.88 -6.70
N ARG A 144 -7.58 17.70 -7.17
CA ARG A 144 -6.66 16.83 -6.44
C ARG A 144 -5.41 16.61 -7.28
N VAL A 145 -4.24 16.59 -6.63
CA VAL A 145 -2.99 16.09 -7.23
C VAL A 145 -2.30 15.15 -6.25
N TRP A 146 -1.43 14.32 -6.79
CA TRP A 146 -0.67 13.38 -6.02
C TRP A 146 0.79 13.53 -6.36
N LEU A 147 1.62 13.46 -5.34
CA LEU A 147 3.07 13.45 -5.47
C LEU A 147 3.62 12.22 -4.77
N PRO A 148 4.88 11.85 -5.05
CA PRO A 148 5.47 10.83 -4.16
C PRO A 148 5.45 11.19 -2.71
N TYR A 149 5.14 10.22 -1.85
N TYR A 149 5.15 10.22 -1.84
CA TYR A 149 5.13 10.42 -0.40
CA TYR A 149 5.15 10.46 -0.39
C TYR A 149 6.48 10.97 0.09
C TYR A 149 6.48 11.01 0.08
N SER A 150 7.56 10.47 -0.45
CA SER A 150 8.88 10.89 -0.05
C SER A 150 9.14 12.35 -0.44
N THR A 151 8.65 12.77 -1.59
CA THR A 151 8.76 14.17 -2.01
C THR A 151 8.03 15.10 -1.03
N MET A 152 6.89 14.67 -0.54
CA MET A 152 6.06 15.51 0.36
C MET A 152 6.56 15.57 1.79
N SER A 153 7.16 14.49 2.27
CA SER A 153 7.49 14.37 3.68
C SER A 153 8.53 15.43 4.11
N GLY A 154 8.22 16.12 5.20
CA GLY A 154 8.90 17.38 5.59
C GLY A 154 8.74 18.66 4.75
N ARG A 155 8.03 18.62 3.62
CA ARG A 155 7.76 19.86 2.95
C ARG A 155 6.49 20.37 3.57
N VAL A 156 6.54 21.58 4.08
CA VAL A 156 5.34 22.27 4.50
C VAL A 156 4.81 23.01 3.28
N MET A 157 4.00 22.30 2.52
CA MET A 157 3.48 22.79 1.25
C MET A 157 2.19 23.61 1.43
N GLY A 158 1.37 23.27 2.43
CA GLY A 158 0.23 24.12 2.75
C GLY A 158 -0.44 23.70 4.05
N GLN A 159 -1.71 24.02 4.16
CA GLN A 159 -2.52 23.70 5.34
C GLN A 159 -3.10 22.29 5.23
N SER A 160 -3.00 21.50 6.28
N SER A 160 -2.96 21.49 6.27
CA SER A 160 -3.38 20.12 6.19
CA SER A 160 -3.40 20.11 6.22
C SER A 160 -4.88 19.95 6.55
C SER A 160 -4.89 19.97 6.52
N TRP A 161 -5.52 18.96 5.93
CA TRP A 161 -6.82 18.53 6.37
C TRP A 161 -6.85 17.01 6.38
N LEU A 162 -7.71 16.48 7.23
CA LEU A 162 -7.87 15.00 7.40
C LEU A 162 -8.92 14.45 6.41
N ASN A 163 -8.42 13.70 5.42
CA ASN A 163 -9.23 12.93 4.51
C ASN A 163 -10.05 11.89 5.26
N SER A 164 -9.47 11.29 6.28
CA SER A 164 -10.05 10.14 6.94
C SER A 164 -9.21 9.83 8.16
N ILE A 165 -9.79 9.07 9.08
CA ILE A 165 -9.09 8.52 10.22
C ILE A 165 -9.42 7.05 10.23
N THR A 166 -8.39 6.22 10.37
N THR A 166 -8.39 6.22 10.39
CA THR A 166 -8.58 4.77 10.40
CA THR A 166 -8.56 4.78 10.39
C THR A 166 -8.31 4.27 11.80
C THR A 166 -8.30 4.28 11.80
N VAL A 167 -9.32 3.64 12.40
CA VAL A 167 -9.27 3.25 13.81
C VAL A 167 -9.21 1.74 13.86
N ARG A 168 -8.09 1.16 14.31
CA ARG A 168 -8.02 -0.30 14.63
C ARG A 168 -8.59 -0.64 16.03
N VAL A 169 -9.60 -1.50 16.06
CA VAL A 169 -10.26 -1.92 17.29
C VAL A 169 -9.44 -3.03 18.00
N LYS A 170 -9.26 -2.91 19.29
CA LYS A 170 -8.58 -3.97 20.09
C LYS A 170 -9.22 -5.34 19.92
N GLU A 171 -8.36 -6.35 19.75
CA GLU A 171 -8.75 -7.76 19.56
C GLU A 171 -9.86 -8.22 20.53
N GLY A 172 -10.88 -8.86 20.01
CA GLY A 172 -11.96 -9.42 20.83
C GLY A 172 -13.03 -8.43 21.27
N PHE A 173 -12.81 -7.14 21.09
CA PHE A 173 -13.84 -6.15 21.43
C PHE A 173 -14.98 -6.18 20.38
N ASP A 174 -16.20 -5.86 20.79
CA ASP A 174 -17.35 -5.86 19.90
C ASP A 174 -17.24 -4.66 18.92
N SER A 175 -16.99 -4.94 17.65
CA SER A 175 -16.70 -3.87 16.69
C SER A 175 -17.94 -3.00 16.30
N ALA A 176 -19.13 -3.59 16.34
CA ALA A 176 -20.38 -2.82 16.11
C ALA A 176 -20.56 -1.77 17.21
N GLU A 177 -20.29 -2.17 18.45
CA GLU A 177 -20.40 -1.26 19.59
C GLU A 177 -19.30 -0.20 19.60
N ALA A 178 -18.12 -0.64 19.22
CA ALA A 178 -17.01 0.26 18.96
C ALA A 178 -17.41 1.38 17.96
N GLU A 179 -18.06 0.99 16.87
CA GLU A 179 -18.39 1.94 15.84
C GLU A 179 -19.46 2.88 16.37
N GLN A 180 -20.36 2.34 17.19
N GLN A 180 -20.38 2.34 17.19
CA GLN A 180 -21.37 3.18 17.86
CA GLN A 180 -21.39 3.19 17.84
C GLN A 180 -20.78 4.15 18.86
C GLN A 180 -20.78 4.15 18.86
N GLN A 181 -19.80 3.70 19.64
CA GLN A 181 -19.06 4.57 20.56
C GLN A 181 -18.27 5.65 19.83
N LEU A 182 -17.55 5.25 18.79
CA LEU A 182 -16.86 6.22 17.94
C LEU A 182 -17.82 7.32 17.45
N THR A 183 -18.99 6.90 17.01
CA THR A 183 -19.97 7.78 16.43
C THR A 183 -20.53 8.73 17.46
N ARG A 184 -20.85 8.20 18.67
CA ARG A 184 -21.22 9.06 19.80
C ARG A 184 -20.13 10.02 20.19
N LEU A 185 -18.92 9.53 20.29
CA LEU A 185 -17.81 10.38 20.71
C LEU A 185 -17.72 11.61 19.76
N LEU A 186 -17.74 11.33 18.47
CA LEU A 186 -17.47 12.38 17.49
C LEU A 186 -18.65 13.31 17.30
N SER A 187 -19.86 12.79 17.30
CA SER A 187 -21.06 13.62 17.31
C SER A 187 -21.10 14.57 18.45
N LEU A 188 -20.75 14.09 19.65
CA LEU A 188 -20.64 14.96 20.83
C LEU A 188 -19.56 16.02 20.70
N ARG A 189 -18.38 15.68 20.19
CA ARG A 189 -17.33 16.67 19.97
C ARG A 189 -17.73 17.68 18.92
N HIS A 190 -18.56 17.28 17.93
CA HIS A 190 -18.90 18.19 16.81
C HIS A 190 -20.24 18.89 16.99
N GLY A 191 -21.10 18.39 17.87
CA GLY A 191 -22.46 18.86 17.96
C GLY A 191 -23.35 18.39 16.87
N LYS A 192 -22.86 17.49 16.03
CA LYS A 192 -23.64 16.91 14.96
C LYS A 192 -22.87 15.74 14.34
N LYS A 193 -23.57 14.99 13.50
CA LYS A 193 -22.96 13.91 12.70
C LYS A 193 -22.63 14.44 11.32
N ASP A 194 -21.43 15.00 11.18
CA ASP A 194 -20.93 15.54 9.91
C ASP A 194 -19.81 14.59 9.34
N PHE A 195 -19.95 13.30 9.55
CA PHE A 195 -18.94 12.34 9.14
C PHE A 195 -19.70 11.03 9.00
N PHE A 196 -19.06 10.01 8.44
CA PHE A 196 -19.65 8.67 8.41
C PHE A 196 -18.55 7.66 8.57
N THR A 197 -18.92 6.42 8.83
CA THR A 197 -17.96 5.38 9.16
C THR A 197 -18.18 4.18 8.27
N TRP A 198 -17.13 3.38 8.14
CA TRP A 198 -17.13 2.15 7.34
C TRP A 198 -16.33 1.11 8.11
N ASN A 199 -17.07 0.15 8.65
CA ASN A 199 -16.50 -0.84 9.56
C ASN A 199 -16.18 -2.08 8.74
N MET A 200 -14.99 -2.65 8.87
CA MET A 200 -14.69 -3.87 8.19
C MET A 200 -13.61 -4.73 8.86
N ASP A 201 -13.53 -5.98 8.38
CA ASP A 201 -12.38 -6.91 8.60
C ASP A 201 -11.05 -6.27 8.21
N LEU A 202 -10.10 -6.18 9.15
CA LEU A 202 -8.71 -5.82 8.84
C LEU A 202 -8.22 -6.54 7.57
N GLU A 203 -8.58 -7.81 7.43
CA GLU A 203 -8.14 -8.62 6.30
C GLU A 203 -8.69 -8.08 4.96
N HIS A 204 -9.82 -7.34 4.98
CA HIS A 204 -10.39 -6.73 3.76
C HIS A 204 -9.92 -5.29 3.49
N HIS A 205 -9.46 -4.57 4.52
CA HIS A 205 -8.91 -3.21 4.34
C HIS A 205 -7.68 -3.16 3.39
N HIS A 206 -7.89 -3.37 2.09
CA HIS A 206 -6.75 -3.51 1.15
C HIS A 206 -6.27 -2.11 0.74
N HIS A 207 -7.21 -1.15 0.70
CA HIS A 207 -6.85 0.27 0.36
C HIS A 207 -5.87 0.91 1.35
N THR B 4 10.15 4.03 10.48
CA THR B 4 9.67 2.63 10.30
C THR B 4 10.86 1.70 10.25
N ILE B 5 10.75 0.55 10.92
CA ILE B 5 11.82 -0.42 10.91
C ILE B 5 11.32 -1.69 10.25
N ASP B 6 12.03 -2.17 9.22
CA ASP B 6 11.75 -3.51 8.72
C ASP B 6 12.61 -4.51 9.42
N VAL B 7 12.03 -5.67 9.63
CA VAL B 7 12.76 -6.84 10.09
C VAL B 7 12.70 -7.91 9.03
N TYR B 8 13.87 -8.47 8.71
CA TYR B 8 13.99 -9.47 7.67
C TYR B 8 14.66 -10.69 8.25
N PRO B 9 14.33 -11.86 7.75
CA PRO B 9 15.05 -13.06 8.20
C PRO B 9 16.41 -13.17 7.57
N GLY B 10 17.27 -13.96 8.22
CA GLY B 10 18.60 -14.24 7.69
C GLY B 10 19.58 -13.14 8.04
N LYS B 11 20.55 -12.94 7.16
CA LYS B 11 21.70 -12.07 7.40
C LYS B 11 21.83 -10.90 6.45
N ASP B 12 21.49 -11.10 5.19
CA ASP B 12 21.76 -10.12 4.13
C ASP B 12 20.53 -9.98 3.30
N PHE B 13 20.43 -8.87 2.58
CA PHE B 13 19.36 -8.72 1.60
C PHE B 13 19.32 -9.81 0.56
N GLY B 14 18.10 -10.33 0.29
CA GLY B 14 17.92 -11.43 -0.60
C GLY B 14 17.89 -12.82 0.05
N ASP B 15 18.01 -12.92 1.38
CA ASP B 15 18.03 -14.22 2.04
C ASP B 15 16.59 -14.79 2.16
N ASP B 16 16.12 -15.54 1.16
CA ASP B 16 14.81 -16.23 1.28
C ASP B 16 14.93 -17.76 1.18
N ASP B 17 16.14 -18.24 1.46
CA ASP B 17 16.45 -19.65 1.43
C ASP B 17 15.60 -20.39 2.45
N PRO B 18 15.33 -21.72 2.21
CA PRO B 18 14.49 -22.50 3.16
C PRO B 18 14.83 -22.34 4.65
N GLN B 19 16.11 -22.42 4.98
CA GLN B 19 16.58 -22.27 6.34
C GLN B 19 16.28 -20.88 6.94
N TYR B 20 15.98 -19.87 6.14
CA TYR B 20 15.64 -18.57 6.70
C TYR B 20 14.11 -18.28 6.83
N GLN B 21 13.31 -19.06 6.13
CA GLN B 21 11.91 -18.81 6.01
C GLN B 21 11.16 -18.89 7.34
N GLN B 22 11.63 -19.74 8.25
N GLN B 22 11.59 -19.76 8.24
CA GLN B 22 10.90 -19.91 9.50
CA GLN B 22 10.87 -19.91 9.51
C GLN B 22 11.39 -18.98 10.60
C GLN B 22 11.44 -19.02 10.62
N ALA B 23 12.31 -18.07 10.31
CA ALA B 23 12.91 -17.26 11.39
C ALA B 23 11.94 -16.34 12.11
N LEU B 24 11.12 -15.62 11.35
CA LEU B 24 10.17 -14.73 11.91
C LEU B 24 8.81 -15.38 12.13
N LYS B 25 8.31 -15.30 13.36
CA LYS B 25 7.14 -16.06 13.83
C LYS B 25 5.96 -15.15 13.95
N TYR B 26 4.76 -15.67 13.78
CA TYR B 26 3.56 -14.90 14.10
C TYR B 26 3.56 -14.37 15.52
N ASP B 27 3.92 -15.22 16.47
CA ASP B 27 3.99 -14.77 17.88
C ASP B 27 4.96 -13.62 18.04
N ASP B 28 6.03 -13.56 17.23
CA ASP B 28 6.95 -12.39 17.24
C ASP B 28 6.22 -11.13 16.83
N LEU B 29 5.40 -11.24 15.77
CA LEU B 29 4.60 -10.12 15.31
C LEU B 29 3.70 -9.59 16.42
N ILE B 30 3.01 -10.51 17.09
CA ILE B 30 2.13 -10.15 18.20
C ILE B 30 2.93 -9.49 19.33
N ALA B 31 4.05 -10.08 19.73
CA ALA B 31 4.94 -9.50 20.74
C ALA B 31 5.41 -8.08 20.40
N ILE B 32 5.74 -7.87 19.13
CA ILE B 32 6.16 -6.56 18.68
C ILE B 32 4.99 -5.60 18.78
N GLN B 33 3.84 -6.06 18.34
CA GLN B 33 2.66 -5.24 18.35
C GLN B 33 2.33 -4.69 19.75
N LYS B 34 2.69 -5.41 20.81
CA LYS B 34 2.36 -4.97 22.15
C LYS B 34 3.43 -4.10 22.76
N GLN B 35 4.48 -3.77 22.04
CA GLN B 35 5.52 -2.96 22.65
C GLN B 35 5.02 -1.53 22.67
N PRO B 36 5.32 -0.80 23.77
CA PRO B 36 4.67 0.50 23.96
C PRO B 36 5.14 1.58 22.97
N TRP B 37 6.32 1.40 22.39
CA TRP B 37 6.83 2.37 21.40
C TRP B 37 6.35 2.06 19.99
N VAL B 38 5.63 0.96 19.81
CA VAL B 38 5.17 0.54 18.49
C VAL B 38 3.82 1.13 18.20
N ALA B 39 3.72 1.95 17.15
CA ALA B 39 2.45 2.40 16.59
C ALA B 39 1.69 1.29 15.87
N SER B 40 2.43 0.44 15.17
CA SER B 40 1.85 -0.51 14.20
C SER B 40 2.95 -1.49 13.78
N ALA B 41 2.57 -2.73 13.47
CA ALA B 41 3.52 -3.72 12.90
C ALA B 41 2.73 -4.68 12.01
N THR B 42 3.18 -4.83 10.76
N THR B 42 3.17 -4.87 10.76
CA THR B 42 2.46 -5.53 9.70
CA THR B 42 2.39 -5.63 9.79
C THR B 42 3.41 -6.58 9.09
C THR B 42 3.30 -6.55 8.96
N PRO B 43 2.95 -7.83 8.86
CA PRO B 43 3.80 -8.84 8.19
C PRO B 43 3.68 -8.77 6.70
N ALA B 44 4.73 -9.14 5.99
CA ALA B 44 4.58 -9.60 4.63
C ALA B 44 4.68 -11.14 4.61
N VAL B 45 3.68 -11.81 4.01
CA VAL B 45 3.49 -13.26 4.14
C VAL B 45 3.52 -13.95 2.77
N SER B 46 4.28 -15.04 2.64
CA SER B 46 4.18 -15.94 1.53
C SER B 46 3.50 -17.22 1.98
N GLN B 47 2.85 -17.91 1.06
CA GLN B 47 2.42 -19.28 1.27
C GLN B 47 3.33 -20.24 0.56
N ASN B 48 3.77 -21.30 1.27
CA ASN B 48 4.53 -22.33 0.61
C ASN B 48 3.51 -23.32 0.04
N LEU B 49 3.64 -23.63 -1.23
CA LEU B 49 2.73 -24.56 -1.89
C LEU B 49 3.55 -25.28 -2.96
N ARG B 50 2.91 -26.13 -3.74
CA ARG B 50 3.54 -26.76 -4.86
C ARG B 50 2.95 -26.29 -6.17
N LEU B 51 3.82 -26.07 -7.15
CA LEU B 51 3.41 -25.75 -8.50
C LEU B 51 3.48 -27.00 -9.30
N ARG B 52 2.45 -27.21 -10.13
CA ARG B 52 2.41 -28.37 -11.05
C ARG B 52 2.21 -27.90 -12.48
N TYR B 53 3.06 -28.41 -13.33
CA TYR B 53 2.94 -28.25 -14.76
C TYR B 53 3.51 -29.50 -15.42
N ASN B 54 2.68 -30.17 -16.20
CA ASN B 54 3.03 -31.45 -16.82
C ASN B 54 3.64 -32.43 -15.84
N ASN B 55 4.90 -32.81 -15.97
CA ASN B 55 5.51 -33.72 -14.98
C ASN B 55 6.27 -33.01 -13.87
N VAL B 56 6.17 -31.69 -13.79
CA VAL B 56 6.93 -30.93 -12.77
C VAL B 56 6.02 -30.71 -11.54
N ASP B 57 6.58 -30.94 -10.37
CA ASP B 57 5.88 -30.79 -9.09
C ASP B 57 6.83 -30.27 -8.03
N VAL B 58 6.87 -28.96 -7.83
CA VAL B 58 7.97 -28.29 -7.11
C VAL B 58 7.47 -27.31 -6.07
N ALA B 59 8.19 -27.25 -4.94
CA ALA B 59 7.84 -26.30 -3.87
C ALA B 59 8.10 -24.87 -4.34
N ALA B 60 7.15 -23.98 -4.07
CA ALA B 60 7.35 -22.56 -4.33
C ALA B 60 6.68 -21.69 -3.25
N SER B 61 7.09 -20.41 -3.22
CA SER B 61 6.52 -19.40 -2.37
C SER B 61 5.65 -18.50 -3.23
N ALA B 62 4.40 -18.32 -2.77
CA ALA B 62 3.41 -17.48 -3.50
C ALA B 62 3.06 -16.28 -2.64
N ASN B 63 3.01 -15.09 -3.26
CA ASN B 63 2.62 -13.88 -2.56
C ASN B 63 1.46 -13.16 -3.28
N GLY B 64 0.53 -12.56 -2.51
CA GLY B 64 -0.59 -11.87 -3.02
C GLY B 64 -0.20 -10.42 -3.02
N VAL B 65 -0.21 -9.76 -4.19
CA VAL B 65 0.27 -8.39 -4.29
C VAL B 65 -0.65 -7.57 -5.17
N SER B 66 -0.37 -6.28 -5.30
CA SER B 66 -1.10 -5.44 -6.26
C SER B 66 -0.31 -5.24 -7.53
N GLY B 67 -0.93 -4.55 -8.48
CA GLY B 67 -0.39 -4.40 -9.85
C GLY B 67 0.90 -3.58 -9.90
N ASP B 68 1.04 -2.58 -9.02
CA ASP B 68 2.25 -1.72 -8.89
C ASP B 68 3.43 -2.30 -8.12
N TYR B 69 3.27 -3.46 -7.47
CA TYR B 69 4.32 -4.06 -6.65
C TYR B 69 5.64 -4.19 -7.40
N PHE B 70 5.55 -4.67 -8.61
CA PHE B 70 6.79 -4.89 -9.41
C PHE B 70 7.54 -3.58 -9.65
N ASN B 71 6.80 -2.59 -10.11
CA ASN B 71 7.33 -1.26 -10.36
C ASN B 71 8.07 -0.68 -9.15
N VAL B 72 7.43 -0.76 -7.99
CA VAL B 72 7.90 -0.18 -6.74
C VAL B 72 9.13 -0.90 -6.25
N TYR B 73 9.27 -2.19 -6.54
CA TYR B 73 10.44 -2.94 -6.17
C TYR B 73 11.54 -2.98 -7.24
N GLY B 74 11.32 -2.33 -8.39
CA GLY B 74 12.34 -2.29 -9.47
C GLY B 74 12.41 -3.54 -10.34
N MET B 75 11.34 -4.34 -10.33
CA MET B 75 11.21 -5.45 -11.24
C MET B 75 10.62 -5.00 -12.58
N THR B 76 11.15 -5.52 -13.65
CA THR B 76 10.49 -5.40 -14.92
C THR B 76 10.01 -6.73 -15.43
N PHE B 77 9.45 -6.72 -16.61
CA PHE B 77 8.81 -7.91 -17.14
C PHE B 77 9.62 -8.42 -18.33
N SER B 78 10.13 -9.62 -18.25
CA SER B 78 10.75 -10.19 -19.45
C SER B 78 9.68 -10.70 -20.46
N GLU B 79 8.46 -10.96 -19.98
CA GLU B 79 7.34 -11.18 -20.85
C GLU B 79 6.07 -10.82 -20.16
N GLY B 80 5.08 -10.49 -20.97
CA GLY B 80 3.77 -10.16 -20.46
C GLY B 80 3.82 -8.93 -19.59
N ASN B 81 2.92 -8.84 -18.62
N ASN B 81 2.93 -8.86 -18.61
CA ASN B 81 2.88 -7.67 -17.74
CA ASN B 81 2.69 -7.63 -17.86
C ASN B 81 2.18 -7.99 -16.44
C ASN B 81 2.18 -7.97 -16.48
N THR B 82 2.10 -6.96 -15.61
CA THR B 82 1.52 -7.09 -14.32
C THR B 82 -0.02 -7.23 -14.35
N PHE B 83 -0.63 -7.38 -13.18
CA PHE B 83 -2.09 -7.53 -13.08
C PHE B 83 -2.77 -6.23 -13.50
N ASN B 84 -3.85 -6.34 -14.24
CA ASN B 84 -4.66 -5.14 -14.57
C ASN B 84 -5.74 -4.96 -13.54
N GLN B 85 -6.38 -3.79 -13.60
CA GLN B 85 -7.40 -3.47 -12.66
C GLN B 85 -8.57 -4.48 -12.58
N GLU B 86 -8.96 -5.04 -13.70
CA GLU B 86 -10.06 -6.02 -13.74
C GLU B 86 -9.69 -7.28 -13.00
N GLN B 87 -8.42 -7.67 -13.12
CA GLN B 87 -7.97 -8.90 -12.46
C GLN B 87 -7.90 -8.70 -10.95
N LEU B 88 -7.41 -7.55 -10.53
CA LEU B 88 -7.35 -7.23 -9.13
C LEU B 88 -8.80 -7.09 -8.56
N ASN B 89 -9.68 -6.32 -9.22
CA ASN B 89 -11.08 -6.15 -8.80
C ASN B 89 -11.81 -7.56 -8.79
N GLY B 90 -11.53 -8.38 -9.81
CA GLY B 90 -12.28 -9.61 -10.09
C GLY B 90 -11.71 -10.81 -9.37
N ARG B 91 -10.61 -10.68 -8.61
CA ARG B 91 -9.96 -11.82 -7.94
C ARG B 91 -9.57 -12.90 -8.93
N ALA B 92 -9.06 -12.53 -10.09
CA ALA B 92 -8.74 -13.49 -11.14
C ALA B 92 -7.65 -14.51 -10.78
N GLN B 93 -7.81 -15.71 -11.31
CA GLN B 93 -6.83 -16.77 -11.21
C GLN B 93 -5.76 -16.60 -12.29
N VAL B 94 -4.80 -15.74 -11.97
CA VAL B 94 -3.72 -15.32 -12.87
C VAL B 94 -2.46 -15.18 -11.99
N VAL B 95 -1.33 -15.42 -12.62
CA VAL B 95 -0.09 -15.56 -11.93
C VAL B 95 1.03 -14.90 -12.74
N VAL B 96 1.94 -14.24 -12.02
CA VAL B 96 3.24 -13.82 -12.56
C VAL B 96 4.35 -14.75 -11.96
N LEU B 97 5.19 -15.28 -12.84
CA LEU B 97 6.28 -16.15 -12.47
C LEU B 97 7.55 -15.27 -12.18
N ASP B 98 8.38 -15.69 -11.21
CA ASP B 98 9.81 -15.22 -11.26
C ASP B 98 10.67 -16.00 -12.26
N SER B 99 11.90 -15.55 -12.47
CA SER B 99 12.78 -16.20 -13.42
C SER B 99 13.09 -17.61 -13.03
N ASN B 100 13.31 -17.88 -11.75
CA ASN B 100 13.55 -19.26 -11.33
C ASN B 100 12.38 -20.22 -11.69
N THR B 101 11.16 -19.76 -11.44
CA THR B 101 9.97 -20.57 -11.69
C THR B 101 9.80 -20.81 -13.17
N ARG B 102 10.01 -19.75 -13.93
CA ARG B 102 9.92 -19.82 -15.33
C ARG B 102 10.88 -20.85 -15.95
N ARG B 103 12.13 -20.89 -15.47
CA ARG B 103 13.12 -21.92 -15.89
C ARG B 103 12.67 -23.32 -15.47
N GLN B 104 12.14 -23.42 -14.25
CA GLN B 104 11.80 -24.72 -13.69
C GLN B 104 10.64 -25.40 -14.40
N LEU B 105 9.58 -24.63 -14.67
CA LEU B 105 8.40 -25.16 -15.36
C LEU B 105 8.46 -25.19 -16.88
N PHE B 106 9.15 -24.23 -17.44
CA PHE B 106 9.10 -24.01 -18.87
C PHE B 106 10.51 -23.83 -19.46
N PRO B 107 11.38 -24.83 -19.25
CA PRO B 107 12.82 -24.70 -19.65
C PRO B 107 12.99 -24.45 -21.17
N HIS B 108 12.08 -24.94 -21.97
CA HIS B 108 12.26 -24.85 -23.41
C HIS B 108 11.45 -23.78 -24.09
N LYS B 109 10.29 -23.41 -23.55
CA LYS B 109 9.31 -22.61 -24.30
C LYS B 109 9.88 -21.19 -24.50
N ALA B 110 9.73 -20.66 -25.71
CA ALA B 110 10.09 -19.31 -26.00
C ALA B 110 9.15 -18.37 -25.28
N ASP B 111 7.87 -18.73 -25.18
CA ASP B 111 6.82 -17.86 -24.64
C ASP B 111 5.98 -18.67 -23.67
N VAL B 112 5.63 -18.11 -22.52
CA VAL B 112 4.81 -18.84 -21.58
C VAL B 112 3.56 -18.08 -21.21
N VAL B 113 3.44 -16.81 -21.61
CA VAL B 113 2.18 -16.06 -21.38
C VAL B 113 1.01 -16.78 -22.04
N GLY B 114 -0.05 -17.03 -21.29
CA GLY B 114 -1.19 -17.85 -21.79
C GLY B 114 -1.13 -19.32 -21.36
N GLU B 115 0.00 -19.83 -20.94
CA GLU B 115 0.02 -21.15 -20.25
C GLU B 115 -0.80 -21.15 -18.96
N VAL B 116 -1.28 -22.32 -18.56
CA VAL B 116 -1.94 -22.53 -17.29
C VAL B 116 -1.08 -23.46 -16.44
N ILE B 117 -0.81 -23.05 -15.20
CA ILE B 117 -0.18 -23.93 -14.20
C ILE B 117 -1.11 -24.17 -13.07
N LEU B 118 -0.83 -25.22 -12.30
CA LEU B 118 -1.49 -25.39 -11.01
C LEU B 118 -0.69 -24.72 -9.90
N VAL B 119 -1.35 -23.77 -9.22
CA VAL B 119 -0.77 -23.13 -8.07
C VAL B 119 -1.41 -23.80 -6.87
N GLY B 120 -0.70 -24.74 -6.24
CA GLY B 120 -1.36 -25.74 -5.37
C GLY B 120 -2.26 -26.63 -6.22
N ASN B 121 -3.56 -26.53 -6.04
N ASN B 121 -3.58 -26.54 -5.97
CA ASN B 121 -4.49 -27.23 -6.91
CA ASN B 121 -4.60 -27.24 -6.74
C ASN B 121 -5.47 -26.24 -7.54
C ASN B 121 -5.31 -26.32 -7.78
N MET B 122 -4.98 -25.03 -7.72
CA MET B 122 -5.77 -23.97 -8.35
C MET B 122 -5.10 -23.62 -9.68
N PRO B 123 -5.76 -23.91 -10.83
CA PRO B 123 -5.16 -23.44 -12.08
C PRO B 123 -5.15 -21.93 -12.18
N ALA B 124 -4.09 -21.40 -12.76
CA ALA B 124 -3.88 -20.01 -12.89
C ALA B 124 -3.23 -19.74 -14.22
N ARG B 125 -3.69 -18.68 -14.92
CA ARG B 125 -3.17 -18.29 -16.21
C ARG B 125 -1.87 -17.50 -15.98
N VAL B 126 -0.81 -17.89 -16.66
CA VAL B 126 0.44 -17.14 -16.59
C VAL B 126 0.27 -15.84 -17.41
N ILE B 127 0.37 -14.68 -16.77
CA ILE B 127 0.23 -13.41 -17.50
C ILE B 127 1.56 -12.67 -17.66
N GLY B 128 2.60 -13.10 -16.96
CA GLY B 128 3.90 -12.40 -17.09
C GLY B 128 5.00 -13.15 -16.38
N VAL B 129 6.23 -12.75 -16.67
CA VAL B 129 7.42 -13.27 -16.01
C VAL B 129 8.22 -12.04 -15.56
N ALA B 130 8.47 -11.96 -14.28
CA ALA B 130 9.24 -10.82 -13.72
C ALA B 130 10.75 -11.00 -13.85
N GLU B 131 11.46 -9.90 -14.06
CA GLU B 131 12.91 -9.89 -14.20
C GLU B 131 13.39 -9.12 -12.97
N GLU B 132 14.24 -9.76 -12.17
CA GLU B 132 14.59 -9.27 -10.79
C GLU B 132 16.00 -8.62 -10.73
N LYS B 133 16.60 -8.43 -11.89
CA LYS B 133 18.04 -8.18 -11.96
C LYS B 133 18.34 -6.75 -11.51
N GLN B 134 17.38 -5.83 -11.64
CA GLN B 134 17.57 -4.46 -11.14
C GLN B 134 16.81 -4.19 -9.82
N SER B 135 16.22 -5.24 -9.22
CA SER B 135 15.30 -5.06 -8.12
C SER B 135 16.00 -4.84 -6.76
N MET B 136 15.22 -4.41 -5.79
CA MET B 136 15.76 -3.98 -4.55
C MET B 136 16.59 -5.07 -3.85
N PHE B 137 16.10 -6.31 -3.83
CA PHE B 137 16.77 -7.45 -3.15
C PHE B 137 17.34 -8.49 -4.05
N GLY B 138 17.43 -8.24 -5.34
CA GLY B 138 17.91 -9.21 -6.32
C GLY B 138 16.85 -10.29 -6.67
N SER B 139 17.30 -11.37 -7.29
CA SER B 139 16.44 -12.52 -7.48
C SER B 139 16.35 -13.35 -6.24
N SER B 140 15.23 -14.03 -6.12
CA SER B 140 15.00 -14.99 -5.10
C SER B 140 16.02 -16.14 -5.15
N LYS B 141 16.24 -16.78 -4.02
CA LYS B 141 16.96 -18.02 -3.98
C LYS B 141 16.03 -19.21 -4.16
N VAL B 142 14.74 -18.95 -4.14
CA VAL B 142 13.71 -20.04 -4.21
C VAL B 142 12.76 -19.76 -5.37
N LEU B 143 11.81 -20.63 -5.60
CA LEU B 143 10.86 -20.38 -6.70
C LEU B 143 9.79 -19.45 -6.15
N ARG B 144 9.55 -18.29 -6.78
CA ARG B 144 8.53 -17.33 -6.35
C ARG B 144 7.49 -17.17 -7.43
N VAL B 145 6.21 -17.04 -7.04
CA VAL B 145 5.11 -16.59 -7.92
C VAL B 145 4.29 -15.51 -7.19
N TRP B 146 3.61 -14.70 -7.97
CA TRP B 146 2.80 -13.67 -7.42
C TRP B 146 1.41 -13.81 -8.03
N LEU B 147 0.39 -13.57 -7.20
CA LEU B 147 -1.02 -13.56 -7.63
C LEU B 147 -1.67 -12.28 -7.08
N PRO B 148 -2.86 -11.93 -7.57
CA PRO B 148 -3.50 -10.73 -6.99
C PRO B 148 -3.75 -10.98 -5.53
N TYR B 149 -3.57 -9.93 -4.73
CA TYR B 149 -3.86 -10.00 -3.30
C TYR B 149 -5.31 -10.43 -3.04
N SER B 150 -6.22 -9.96 -3.87
CA SER B 150 -7.64 -10.30 -3.71
C SER B 150 -7.93 -11.76 -4.00
N THR B 151 -7.22 -12.36 -4.97
CA THR B 151 -7.36 -13.79 -5.27
C THR B 151 -6.84 -14.63 -4.13
N MET B 152 -5.74 -14.21 -3.53
CA MET B 152 -5.05 -15.02 -2.52
C MET B 152 -5.78 -14.94 -1.15
N SER B 153 -6.36 -13.79 -0.84
CA SER B 153 -6.97 -13.56 0.45
C SER B 153 -8.15 -14.48 0.66
N GLY B 154 -8.88 -14.80 -0.39
CA GLY B 154 -9.84 -15.91 -0.36
C GLY B 154 -9.38 -17.36 -0.15
N ARG B 155 -8.07 -17.62 -0.03
CA ARG B 155 -7.55 -18.99 -0.07
C ARG B 155 -6.53 -19.44 0.99
N VAL B 156 -6.73 -20.61 1.56
CA VAL B 156 -5.67 -21.29 2.30
C VAL B 156 -4.87 -22.04 1.27
N MET B 157 -3.83 -21.37 0.79
CA MET B 157 -2.99 -21.88 -0.28
C MET B 157 -2.00 -22.91 0.22
N GLY B 158 -1.35 -22.60 1.35
CA GLY B 158 -0.40 -23.52 1.95
C GLY B 158 0.02 -23.06 3.34
N GLN B 159 1.23 -23.42 3.73
CA GLN B 159 1.90 -23.05 4.96
C GLN B 159 2.45 -21.62 4.83
N SER B 160 2.12 -20.73 5.74
CA SER B 160 2.58 -19.34 5.55
C SER B 160 3.98 -19.17 6.20
N TRP B 161 4.79 -18.31 5.63
CA TRP B 161 5.96 -17.79 6.29
C TRP B 161 6.05 -16.29 6.13
N LEU B 162 6.70 -15.65 7.09
CA LEU B 162 6.86 -14.18 7.13
C LEU B 162 8.13 -13.75 6.37
N ASN B 163 7.97 -13.10 5.21
CA ASN B 163 9.05 -12.48 4.46
C ASN B 163 9.73 -11.34 5.26
N SER B 164 8.96 -10.63 6.07
CA SER B 164 9.37 -9.45 6.73
C SER B 164 8.27 -8.97 7.67
N ILE B 165 8.66 -8.12 8.60
CA ILE B 165 7.72 -7.42 9.46
C ILE B 165 8.12 -5.95 9.42
N THR B 166 7.14 -5.10 9.23
CA THR B 166 7.36 -3.66 9.17
C THR B 166 6.77 -3.01 10.40
N VAL B 167 7.61 -2.40 11.19
CA VAL B 167 7.24 -1.85 12.47
C VAL B 167 7.24 -0.31 12.38
N ARG B 168 6.08 0.32 12.49
CA ARG B 168 6.00 1.80 12.66
C ARG B 168 6.19 2.23 14.13
N VAL B 169 7.20 3.06 14.37
CA VAL B 169 7.53 3.58 15.70
C VAL B 169 6.61 4.77 16.04
N LYS B 170 6.07 4.79 17.26
CA LYS B 170 5.30 5.96 17.77
C LYS B 170 6.06 7.28 17.78
N GLU B 171 5.40 8.33 17.27
CA GLU B 171 5.98 9.69 17.12
C GLU B 171 6.68 10.21 18.39
N GLY B 172 7.89 10.72 18.25
CA GLY B 172 8.67 11.18 19.39
C GLY B 172 9.36 10.13 20.26
N PHE B 173 9.34 8.86 19.85
CA PHE B 173 10.34 7.88 20.31
C PHE B 173 11.65 7.96 19.51
N ASP B 174 12.75 7.73 20.21
CA ASP B 174 14.06 7.57 19.62
C ASP B 174 14.10 6.27 18.79
N SER B 175 14.16 6.42 17.47
CA SER B 175 14.02 5.26 16.56
C SER B 175 15.26 4.34 16.58
N ALA B 176 16.42 4.88 16.88
CA ALA B 176 17.63 4.07 17.06
C ALA B 176 17.49 3.13 18.28
N GLU B 177 16.96 3.67 19.38
CA GLU B 177 16.75 2.89 20.61
C GLU B 177 15.59 1.89 20.44
N ALA B 178 14.57 2.30 19.72
CA ALA B 178 13.54 1.40 19.22
C ALA B 178 14.13 0.18 18.47
N GLU B 179 15.05 0.43 17.54
CA GLU B 179 15.57 -0.63 16.71
C GLU B 179 16.43 -1.52 17.58
N GLN B 180 17.11 -0.90 18.55
CA GLN B 180 17.88 -1.68 19.52
C GLN B 180 17.01 -2.53 20.43
N GLN B 181 15.88 -1.99 20.86
CA GLN B 181 14.91 -2.77 21.65
C GLN B 181 14.31 -3.90 20.83
N LEU B 182 13.89 -3.58 19.62
CA LEU B 182 13.41 -4.61 18.72
C LEU B 182 14.40 -5.76 18.62
N THR B 183 15.69 -5.42 18.48
CA THR B 183 16.69 -6.41 18.25
C THR B 183 16.93 -7.25 19.50
N ARG B 184 16.99 -6.58 20.67
CA ARG B 184 17.01 -7.32 21.95
C ARG B 184 15.78 -8.22 22.11
N LEU B 185 14.62 -7.70 21.81
CA LEU B 185 13.38 -8.46 21.98
C LEU B 185 13.42 -9.76 21.18
N LEU B 186 13.85 -9.64 19.92
CA LEU B 186 13.80 -10.77 19.00
C LEU B 186 14.90 -11.77 19.22
N SER B 187 16.11 -11.29 19.50
CA SER B 187 17.20 -12.18 19.90
C SER B 187 16.87 -13.00 21.12
N LEU B 188 16.23 -12.37 22.11
CA LEU B 188 15.77 -13.11 23.30
C LEU B 188 14.72 -14.14 23.00
N ARG B 189 13.73 -13.77 22.20
CA ARG B 189 12.69 -14.73 21.83
C ARG B 189 13.28 -15.90 21.07
N HIS B 190 14.29 -15.66 20.22
CA HIS B 190 14.79 -16.70 19.32
C HIS B 190 15.92 -17.37 20.04
N GLY B 191 16.57 -18.31 19.39
CA GLY B 191 17.89 -18.67 19.88
C GLY B 191 18.72 -17.41 20.21
N LYS B 192 18.68 -16.40 19.33
CA LYS B 192 19.89 -15.73 18.85
C LYS B 192 19.47 -14.68 17.80
N LYS B 193 20.42 -14.08 17.09
CA LYS B 193 20.12 -13.13 16.03
C LYS B 193 20.14 -13.81 14.67
N ASP B 194 18.98 -14.31 14.25
CA ASP B 194 18.77 -14.94 12.97
C ASP B 194 17.90 -14.01 12.02
N PHE B 195 18.06 -12.69 12.16
CA PHE B 195 17.29 -11.71 11.42
C PHE B 195 18.17 -10.47 11.30
N PHE B 196 17.78 -9.49 10.49
CA PHE B 196 18.42 -8.18 10.52
C PHE B 196 17.36 -7.11 10.32
N THR B 197 17.72 -5.86 10.58
CA THR B 197 16.75 -4.74 10.51
C THR B 197 17.22 -3.65 9.57
N TRP B 198 16.28 -2.86 9.11
CA TRP B 198 16.55 -1.71 8.29
C TRP B 198 15.65 -0.64 8.83
N ASN B 199 16.27 0.35 9.45
CA ASN B 199 15.54 1.48 10.00
C ASN B 199 15.51 2.60 8.96
N MET B 200 14.30 2.99 8.54
CA MET B 200 14.12 3.95 7.43
C MET B 200 12.88 4.85 7.61
#